data_5DUG
#
_entry.id   5DUG
#
_cell.length_a   54.140
_cell.length_b   82.146
_cell.length_c   58.354
_cell.angle_alpha   90.000
_cell.angle_beta   110.870
_cell.angle_gamma   90.000
#
_symmetry.space_group_name_H-M   'P 1 21 1'
#
loop_
_entity.id
_entity.type
_entity.pdbx_description
1 polymer 'Estrogen receptor'
2 polymer 'Nuclear receptor coactivator 2'
3 non-polymer 'phenyl (1S,2S,4S,7S)-5,6-bis(4-hydroxy-2-methylphenyl)-7-thiabicyclo[2.2.1]hept-5-ene-2-sulfonate 7-oxide'
4 water water
#
loop_
_entity_poly.entity_id
_entity_poly.type
_entity_poly.pdbx_seq_one_letter_code
_entity_poly.pdbx_strand_id
1 'polypeptide(L)'
;IKRSKKNSLALSLTADQMVSALLDAEPPILYSEYDPTRPFSEASMMGLLTNLADRELVHMINWAKRVPGFVDLTLHDQVH
LLECAWLEILMIGLVWRSMEHPGKLLFAPNLLLDRNQGKCVEGMVEIFDMLLATSSRFRMMNLQGEEFVCLKSIILLNSG
VYTFLSSTLKSLEEKDHIHRVLDKITDTLIHLMAKAGLTLQQQHQRLAQLLLILSHIRHMSNKGMEHLYSMKCKNVVPLS
DLLLEMLDAHRLHAPTS
;
A,B
2 'polypeptide(L)' KHKILHRLLQDSSS C,D
#
loop_
_chem_comp.id
_chem_comp.type
_chem_comp.name
_chem_comp.formula
5FV non-polymer 'phenyl (1S,2S,4S,7S)-5,6-bis(4-hydroxy-2-methylphenyl)-7-thiabicyclo[2.2.1]hept-5-ene-2-sulfonate 7-oxide' 'C26 H24 O6 S2'
#
# COMPACT_ATOMS: atom_id res chain seq x y z
N LEU A 9 -2.67 -22.73 -16.36
CA LEU A 9 -3.75 -23.58 -15.88
C LEU A 9 -4.69 -22.81 -14.96
N ALA A 10 -4.14 -21.81 -14.26
CA ALA A 10 -4.93 -20.95 -13.40
C ALA A 10 -5.95 -20.15 -14.19
N LEU A 11 -5.64 -19.91 -15.46
CA LEU A 11 -6.46 -19.06 -16.31
C LEU A 11 -7.73 -19.76 -16.82
N SER A 12 -7.75 -21.08 -16.71
CA SER A 12 -8.89 -21.85 -17.23
C SER A 12 -9.82 -22.31 -16.12
N LEU A 13 -9.48 -22.00 -14.87
CA LEU A 13 -10.32 -22.37 -13.73
C LEU A 13 -11.59 -21.53 -13.71
N THR A 14 -12.69 -22.13 -13.28
CA THR A 14 -13.89 -21.35 -13.01
C THR A 14 -13.68 -20.58 -11.71
N ALA A 15 -14.58 -19.65 -11.42
CA ALA A 15 -14.48 -18.88 -10.18
C ALA A 15 -14.58 -19.82 -8.99
N ASP A 16 -15.52 -20.76 -9.05
CA ASP A 16 -15.71 -21.71 -7.96
C ASP A 16 -14.50 -22.64 -7.80
N GLN A 17 -13.85 -22.96 -8.92
CA GLN A 17 -12.65 -23.78 -8.90
C GLN A 17 -11.47 -23.01 -8.30
N MET A 18 -11.39 -21.73 -8.62
CA MET A 18 -10.37 -20.87 -8.03
C MET A 18 -10.51 -20.86 -6.51
N VAL A 19 -11.74 -20.59 -6.04
CA VAL A 19 -12.02 -20.56 -4.62
C VAL A 19 -11.62 -21.87 -3.93
N SER A 20 -12.03 -22.99 -4.52
CA SER A 20 -11.72 -24.31 -3.96
C SER A 20 -10.21 -24.53 -3.90
N ALA A 21 -9.51 -24.14 -4.95
CA ALA A 21 -8.07 -24.31 -5.00
C ALA A 21 -7.42 -23.51 -3.86
N LEU A 22 -7.84 -22.26 -3.70
CA LEU A 22 -7.29 -21.41 -2.65
C LEU A 22 -7.65 -21.89 -1.26
N LEU A 23 -8.91 -22.23 -1.05
CA LEU A 23 -9.35 -22.73 0.25
C LEU A 23 -8.52 -23.95 0.64
N ASP A 24 -8.27 -24.81 -0.35
CA ASP A 24 -7.53 -26.08 -0.19
C ASP A 24 -6.07 -25.85 0.15
N ALA A 25 -5.53 -24.71 -0.27
CA ALA A 25 -4.12 -24.43 -0.15
C ALA A 25 -3.79 -23.79 1.18
N GLU A 26 -4.83 -23.37 1.90
CA GLU A 26 -4.63 -22.68 3.17
C GLU A 26 -3.63 -23.37 4.08
N PRO A 27 -2.67 -22.60 4.62
CA PRO A 27 -1.73 -23.15 5.59
C PRO A 27 -2.47 -23.41 6.90
N PRO A 28 -1.91 -24.22 7.79
CA PRO A 28 -2.58 -24.50 9.05
C PRO A 28 -2.32 -23.40 10.08
N ILE A 29 -3.12 -23.39 11.15
CA ILE A 29 -2.84 -22.52 12.28
C ILE A 29 -1.82 -23.21 13.17
N LEU A 30 -0.74 -22.50 13.50
CA LEU A 30 0.34 -23.07 14.28
C LEU A 30 0.21 -22.63 15.74
N TYR A 31 0.76 -23.44 16.64
CA TYR A 31 0.74 -23.10 18.05
C TYR A 31 2.04 -22.44 18.45
N SER A 32 1.94 -21.54 19.42
CA SER A 32 3.13 -20.94 20.00
C SER A 32 3.74 -21.92 20.97
N GLU A 33 4.94 -21.63 21.43
CA GLU A 33 5.50 -22.44 22.51
C GLU A 33 4.62 -22.30 23.74
N TYR A 34 4.85 -23.20 24.68
CA TYR A 34 3.86 -23.43 25.72
C TYR A 34 4.30 -23.03 27.10
N ASP A 35 3.32 -22.99 28.02
CA ASP A 35 3.52 -22.52 29.38
C ASP A 35 4.69 -21.56 29.53
N PRO A 36 4.73 -20.52 28.68
CA PRO A 36 5.82 -19.55 28.72
C PRO A 36 5.50 -18.50 29.74
N THR A 37 5.30 -18.94 30.98
CA THR A 37 4.99 -18.07 32.10
C THR A 37 4.57 -16.67 31.71
N ARG A 38 3.26 -16.44 31.59
CA ARG A 38 2.76 -15.09 31.64
C ARG A 38 3.27 -14.65 33.00
N PRO A 39 3.91 -13.50 33.09
CA PRO A 39 4.00 -12.40 32.12
C PRO A 39 5.24 -12.41 31.22
N PHE A 40 5.16 -11.60 30.16
CA PHE A 40 6.22 -11.52 29.17
C PHE A 40 7.20 -10.40 29.46
N SER A 41 8.46 -10.63 29.14
CA SER A 41 9.44 -9.57 29.03
C SER A 41 9.48 -9.20 27.56
N GLU A 42 10.18 -8.13 27.23
CA GLU A 42 10.37 -7.77 25.83
C GLU A 42 11.04 -8.94 25.12
N ALA A 43 12.10 -9.47 25.74
CA ALA A 43 12.90 -10.53 25.17
C ALA A 43 12.11 -11.82 24.96
N SER A 44 11.26 -12.17 25.92
CA SER A 44 10.52 -13.42 25.84
C SER A 44 9.38 -13.34 24.82
N MET A 45 8.71 -12.19 24.76
CA MET A 45 7.66 -11.99 23.77
C MET A 45 8.24 -12.05 22.36
N MET A 46 9.31 -11.31 22.13
CA MET A 46 9.99 -11.33 20.84
C MET A 46 10.46 -12.73 20.48
N GLY A 47 10.96 -13.46 21.46
CA GLY A 47 11.39 -14.84 21.26
C GLY A 47 10.26 -15.69 20.70
N LEU A 48 9.14 -15.71 21.42
CA LEU A 48 7.97 -16.46 21.00
C LEU A 48 7.49 -16.04 19.61
N LEU A 49 7.37 -14.74 19.39
CA LEU A 49 6.83 -14.22 18.13
C LEU A 49 7.75 -14.58 16.98
N THR A 50 9.05 -14.43 17.21
CA THR A 50 10.05 -14.75 16.20
C THR A 50 10.02 -16.23 15.84
N ASN A 51 9.95 -17.09 16.86
CA ASN A 51 9.88 -18.52 16.62
C ASN A 51 8.63 -18.89 15.84
N LEU A 52 7.52 -18.27 16.21
CA LEU A 52 6.25 -18.48 15.54
C LEU A 52 6.27 -17.99 14.09
N ALA A 53 6.73 -16.75 13.88
CA ALA A 53 6.78 -16.18 12.54
C ALA A 53 7.64 -17.03 11.61
N ASP A 54 8.79 -17.46 12.12
CA ASP A 54 9.70 -18.31 11.36
C ASP A 54 9.01 -19.57 10.86
N ARG A 55 8.22 -20.20 11.73
CA ARG A 55 7.52 -21.42 11.33
C ARG A 55 6.37 -21.15 10.36
N GLU A 56 5.65 -20.05 10.57
CA GLU A 56 4.62 -19.64 9.64
C GLU A 56 5.21 -19.40 8.25
N LEU A 57 6.42 -18.87 8.22
CA LEU A 57 7.09 -18.56 6.96
C LEU A 57 7.27 -19.81 6.12
N VAL A 58 7.72 -20.88 6.75
CA VAL A 58 7.92 -22.13 6.04
C VAL A 58 6.62 -22.58 5.39
N HIS A 59 5.54 -22.50 6.15
CA HIS A 59 4.24 -22.91 5.63
C HIS A 59 3.73 -21.98 4.54
N MET A 60 4.01 -20.67 4.67
CA MET A 60 3.56 -19.72 3.66
C MET A 60 4.20 -20.01 2.32
N ILE A 61 5.50 -20.27 2.35
CA ILE A 61 6.25 -20.57 1.13
C ILE A 61 5.61 -21.74 0.36
N ASN A 62 5.19 -22.77 1.10
CA ASN A 62 4.54 -23.92 0.47
C ASN A 62 3.12 -23.62 0.03
N TRP A 63 2.45 -22.73 0.75
CA TRP A 63 1.14 -22.27 0.35
C TRP A 63 1.23 -21.57 -1.00
N ALA A 64 2.25 -20.73 -1.16
CA ALA A 64 2.44 -19.96 -2.39
C ALA A 64 2.52 -20.86 -3.62
N LYS A 65 3.15 -22.02 -3.46
CA LYS A 65 3.30 -22.95 -4.57
C LYS A 65 1.96 -23.53 -4.96
N ARG A 66 1.00 -23.48 -4.05
CA ARG A 66 -0.33 -24.01 -4.30
C ARG A 66 -1.29 -22.95 -4.82
N VAL A 67 -0.85 -21.70 -4.85
CA VAL A 67 -1.63 -20.62 -5.44
C VAL A 67 -1.55 -20.72 -6.97
N PRO A 68 -2.71 -20.87 -7.62
CA PRO A 68 -2.77 -21.03 -9.09
C PRO A 68 -1.96 -19.96 -9.81
N GLY A 69 -1.14 -20.38 -10.77
CA GLY A 69 -0.33 -19.46 -11.54
C GLY A 69 1.06 -19.26 -11.00
N PHE A 70 1.19 -19.32 -9.67
CA PHE A 70 2.46 -19.03 -9.01
C PHE A 70 3.60 -19.93 -9.47
N VAL A 71 3.34 -21.22 -9.60
CA VAL A 71 4.37 -22.16 -9.99
C VAL A 71 4.73 -22.04 -11.46
N ASP A 72 3.86 -21.37 -12.23
CA ASP A 72 4.13 -21.14 -13.65
C ASP A 72 5.22 -20.09 -13.80
N LEU A 73 5.57 -19.43 -12.70
CA LEU A 73 6.56 -18.38 -12.70
C LEU A 73 7.96 -18.96 -12.55
N THR A 74 8.95 -18.25 -13.07
CA THR A 74 10.34 -18.64 -12.88
C THR A 74 10.69 -18.55 -11.40
N LEU A 75 11.69 -19.31 -10.98
CA LEU A 75 12.12 -19.32 -9.59
C LEU A 75 12.46 -17.90 -9.11
N HIS A 76 13.22 -17.20 -9.94
CA HIS A 76 13.64 -15.86 -9.58
CA HIS A 76 13.64 -15.83 -9.65
C HIS A 76 12.45 -14.94 -9.30
N ASP A 77 11.39 -15.06 -10.09
CA ASP A 77 10.19 -14.25 -9.88
C ASP A 77 9.41 -14.68 -8.64
N GLN A 78 9.38 -15.98 -8.37
CA GLN A 78 8.73 -16.48 -7.16
C GLN A 78 9.43 -15.91 -5.94
N VAL A 79 10.76 -15.95 -5.95
CA VAL A 79 11.56 -15.40 -4.87
C VAL A 79 11.26 -13.91 -4.68
N HIS A 80 11.27 -13.16 -5.79
CA HIS A 80 10.99 -11.74 -5.74
C HIS A 80 9.64 -11.44 -5.08
N LEU A 81 8.60 -12.11 -5.55
CA LEU A 81 7.26 -11.88 -5.03
C LEU A 81 7.16 -12.18 -3.54
N LEU A 82 7.79 -13.27 -3.12
CA LEU A 82 7.74 -13.69 -1.72
C LEU A 82 8.55 -12.77 -0.81
N GLU A 83 9.73 -12.36 -1.27
CA GLU A 83 10.54 -11.41 -0.52
C GLU A 83 9.82 -10.09 -0.33
N CYS A 84 9.03 -9.70 -1.33
CA CYS A 84 8.26 -8.47 -1.26
C CYS A 84 7.05 -8.58 -0.33
N ALA A 85 6.34 -9.70 -0.42
CA ALA A 85 5.02 -9.80 0.22
C ALA A 85 4.97 -10.55 1.55
N TRP A 86 6.07 -11.20 1.94
CA TRP A 86 6.02 -12.13 3.07
C TRP A 86 5.37 -11.55 4.33
N LEU A 87 5.75 -10.34 4.73
CA LEU A 87 5.20 -9.78 5.96
C LEU A 87 3.73 -9.36 5.78
N GLU A 88 3.40 -8.79 4.62
CA GLU A 88 2.01 -8.48 4.32
C GLU A 88 1.15 -9.73 4.48
N ILE A 89 1.66 -10.86 3.99
CA ILE A 89 0.92 -12.13 4.02
C ILE A 89 0.78 -12.68 5.45
N LEU A 90 1.86 -12.62 6.23
CA LEU A 90 1.79 -13.04 7.62
C LEU A 90 0.79 -12.16 8.36
N MET A 91 0.79 -10.88 8.04
CA MET A 91 -0.08 -9.92 8.72
C MET A 91 -1.55 -10.14 8.40
N ILE A 92 -1.91 -10.28 7.12
CA ILE A 92 -3.31 -10.46 6.77
C ILE A 92 -3.82 -11.77 7.36
N GLY A 93 -2.96 -12.79 7.42
CA GLY A 93 -3.32 -14.04 8.06
C GLY A 93 -3.60 -13.82 9.53
N LEU A 94 -2.75 -13.04 10.18
CA LEU A 94 -2.91 -12.77 11.60
C LEU A 94 -4.23 -12.06 11.89
N VAL A 95 -4.55 -11.03 11.10
CA VAL A 95 -5.78 -10.29 11.35
C VAL A 95 -7.01 -11.12 10.99
N TRP A 96 -6.88 -11.99 9.99
CA TRP A 96 -7.99 -12.86 9.64
C TRP A 96 -8.36 -13.78 10.80
N ARG A 97 -7.36 -14.40 11.43
CA ARG A 97 -7.66 -15.32 12.52
C ARG A 97 -7.97 -14.58 13.82
N SER A 98 -7.74 -13.28 13.82
CA SER A 98 -8.06 -12.45 14.98
C SER A 98 -9.47 -11.84 14.89
N MET A 99 -10.12 -12.02 13.74
CA MET A 99 -11.42 -11.38 13.49
C MET A 99 -12.44 -11.60 14.59
N GLU A 100 -12.57 -12.85 15.04
CA GLU A 100 -13.57 -13.21 16.04
C GLU A 100 -13.07 -12.94 17.45
N HIS A 101 -12.03 -12.13 17.57
CA HIS A 101 -11.48 -11.78 18.88
C HIS A 101 -11.22 -10.28 18.97
N PRO A 102 -12.29 -9.48 18.93
CA PRO A 102 -12.16 -8.02 18.96
C PRO A 102 -11.26 -7.56 20.10
N GLY A 103 -10.38 -6.61 19.82
CA GLY A 103 -9.49 -6.08 20.84
C GLY A 103 -8.23 -6.89 21.05
N LYS A 104 -8.18 -8.08 20.48
CA LYS A 104 -7.04 -8.97 20.66
C LYS A 104 -6.49 -9.49 19.34
N LEU A 105 -5.22 -9.88 19.35
CA LEU A 105 -4.60 -10.53 18.19
C LEU A 105 -4.30 -11.99 18.51
N LEU A 106 -4.87 -12.88 17.70
CA LEU A 106 -4.67 -14.31 17.89
C LEU A 106 -3.44 -14.80 17.15
N PHE A 107 -2.26 -14.59 17.73
CA PHE A 107 -1.03 -15.05 17.13
C PHE A 107 -1.03 -16.57 17.00
N ALA A 108 -1.70 -17.23 17.94
CA ALA A 108 -1.87 -18.68 17.94
C ALA A 108 -2.97 -19.01 18.93
N PRO A 109 -3.59 -20.19 18.80
CA PRO A 109 -4.68 -20.53 19.73
C PRO A 109 -4.25 -20.35 21.19
N ASN A 110 -2.99 -20.65 21.48
CA ASN A 110 -2.47 -20.51 22.84
C ASN A 110 -1.69 -19.21 23.04
N LEU A 111 -1.96 -18.22 22.21
CA LEU A 111 -1.28 -16.94 22.30
C LEU A 111 -2.14 -15.80 21.76
N LEU A 112 -3.10 -15.36 22.56
CA LEU A 112 -4.03 -14.31 22.19
C LEU A 112 -3.69 -13.07 23.02
N LEU A 113 -3.31 -11.98 22.36
CA LEU A 113 -2.78 -10.80 23.05
C LEU A 113 -3.58 -9.53 22.80
N ASP A 114 -3.72 -8.71 23.83
CA ASP A 114 -4.29 -7.37 23.67
C ASP A 114 -3.18 -6.33 23.55
N ARG A 115 -3.54 -5.09 23.23
CA ARG A 115 -2.54 -4.06 22.92
C ARG A 115 -1.64 -3.72 24.11
N ASN A 116 -2.15 -3.94 25.33
CA ASN A 116 -1.34 -3.67 26.51
C ASN A 116 -0.13 -4.58 26.57
N GLN A 117 -0.29 -5.80 26.07
CA GLN A 117 0.80 -6.77 26.04
C GLN A 117 1.75 -6.43 24.90
N GLY A 118 1.22 -5.79 23.85
CA GLY A 118 2.05 -5.32 22.76
C GLY A 118 3.01 -4.23 23.23
N LYS A 119 2.70 -3.63 24.37
CA LYS A 119 3.56 -2.61 24.95
C LYS A 119 4.86 -3.20 25.48
N CYS A 120 4.86 -4.50 25.77
CA CYS A 120 6.05 -5.16 26.31
C CYS A 120 7.23 -5.07 25.34
N VAL A 121 6.94 -4.85 24.07
CA VAL A 121 7.98 -4.71 23.06
C VAL A 121 8.00 -3.29 22.52
N GLU A 122 9.16 -2.67 22.59
CA GLU A 122 9.33 -1.27 22.19
C GLU A 122 8.98 -1.05 20.72
N GLY A 123 7.99 -0.20 20.48
CA GLY A 123 7.59 0.15 19.13
C GLY A 123 6.55 -0.79 18.52
N MET A 124 6.21 -1.85 19.25
CA MET A 124 5.28 -2.85 18.71
C MET A 124 3.82 -2.46 18.81
N VAL A 125 3.49 -1.65 19.81
CA VAL A 125 2.10 -1.30 20.07
C VAL A 125 1.48 -0.51 18.91
N GLU A 126 2.28 0.32 18.25
CA GLU A 126 1.81 1.06 17.09
C GLU A 126 1.32 0.09 16.01
N ILE A 127 2.11 -0.93 15.74
CA ILE A 127 1.77 -1.90 14.71
C ILE A 127 0.59 -2.77 15.16
N PHE A 128 0.58 -3.10 16.45
CA PHE A 128 -0.55 -3.76 17.09
C PHE A 128 -1.85 -3.01 16.80
N ASP A 129 -1.84 -1.70 17.09
CA ASP A 129 -3.03 -0.89 16.89
C ASP A 129 -3.53 -0.95 15.45
N MET A 130 -2.59 -0.90 14.50
CA MET A 130 -2.96 -0.96 13.09
C MET A 130 -3.52 -2.33 12.70
N LEU A 131 -2.94 -3.38 13.26
CA LEU A 131 -3.41 -4.74 13.01
C LEU A 131 -4.83 -4.91 13.55
N LEU A 132 -5.07 -4.39 14.75
CA LEU A 132 -6.39 -4.44 15.36
C LEU A 132 -7.42 -3.64 14.58
N ALA A 133 -7.02 -2.48 14.08
CA ALA A 133 -7.89 -1.64 13.27
C ALA A 133 -8.27 -2.37 12.00
N THR A 134 -7.32 -3.12 11.44
CA THR A 134 -7.57 -3.91 10.24
C THR A 134 -8.57 -5.01 10.55
N SER A 135 -8.37 -5.68 11.70
CA SER A 135 -9.25 -6.74 12.13
C SER A 135 -10.66 -6.18 12.33
N SER A 136 -10.73 -5.02 12.96
CA SER A 136 -12.01 -4.35 13.19
C SER A 136 -12.71 -4.03 11.86
N ARG A 137 -11.92 -3.62 10.87
CA ARG A 137 -12.46 -3.29 9.56
C ARG A 137 -13.02 -4.52 8.84
N PHE A 138 -12.25 -5.60 8.83
CA PHE A 138 -12.71 -6.87 8.27
C PHE A 138 -14.00 -7.31 8.93
N ARG A 139 -14.08 -7.12 10.24
CA ARG A 139 -15.21 -7.55 11.03
C ARG A 139 -16.46 -6.77 10.63
N MET A 140 -16.30 -5.45 10.48
CA MET A 140 -17.40 -4.59 10.11
C MET A 140 -17.88 -4.84 8.68
N MET A 141 -16.97 -5.26 7.81
CA MET A 141 -17.32 -5.59 6.44
C MET A 141 -17.86 -7.00 6.33
N ASN A 142 -17.81 -7.75 7.44
CA ASN A 142 -18.20 -9.15 7.42
CA ASN A 142 -18.21 -9.15 7.42
C ASN A 142 -17.42 -9.92 6.37
N LEU A 143 -16.10 -9.73 6.36
CA LEU A 143 -15.23 -10.42 5.40
C LEU A 143 -15.42 -11.92 5.46
N GLN A 144 -15.59 -12.55 4.30
CA GLN A 144 -15.79 -13.99 4.24
C GLN A 144 -14.48 -14.72 3.95
N GLY A 145 -14.40 -15.97 4.40
CA GLY A 145 -13.22 -16.78 4.17
C GLY A 145 -12.84 -16.86 2.69
N GLU A 146 -13.84 -16.98 1.83
CA GLU A 146 -13.61 -17.06 0.39
C GLU A 146 -13.01 -15.75 -0.13
N GLU A 147 -13.43 -14.64 0.45
CA GLU A 147 -12.90 -13.34 0.06
C GLU A 147 -11.46 -13.19 0.56
N PHE A 148 -11.24 -13.64 1.79
CA PHE A 148 -9.92 -13.56 2.41
C PHE A 148 -8.84 -14.25 1.58
N VAL A 149 -9.10 -15.48 1.14
CA VAL A 149 -8.10 -16.23 0.39
C VAL A 149 -7.79 -15.55 -0.94
N CYS A 150 -8.79 -14.94 -1.55
CA CYS A 150 -8.57 -14.17 -2.77
C CYS A 150 -7.63 -12.99 -2.52
N LEU A 151 -7.90 -12.26 -1.43
CA LEU A 151 -7.08 -11.10 -1.08
C LEU A 151 -5.63 -11.47 -0.81
N LYS A 152 -5.42 -12.54 -0.05
CA LYS A 152 -4.08 -12.99 0.28
C LYS A 152 -3.29 -13.35 -0.97
N SER A 153 -3.96 -14.02 -1.92
CA SER A 153 -3.34 -14.37 -3.20
C SER A 153 -2.99 -13.11 -3.99
N ILE A 154 -3.91 -12.15 -4.00
CA ILE A 154 -3.69 -10.89 -4.68
C ILE A 154 -2.42 -10.21 -4.16
N ILE A 155 -2.27 -10.20 -2.83
CA ILE A 155 -1.07 -9.64 -2.21
C ILE A 155 0.20 -10.30 -2.74
N LEU A 156 0.21 -11.64 -2.71
CA LEU A 156 1.36 -12.39 -3.19
C LEU A 156 1.78 -11.99 -4.61
N LEU A 157 0.79 -11.86 -5.48
CA LEU A 157 1.05 -11.59 -6.90
C LEU A 157 1.25 -10.11 -7.18
N ASN A 158 0.55 -9.26 -6.44
CA ASN A 158 0.56 -7.83 -6.73
C ASN A 158 1.75 -7.04 -6.16
N SER A 159 2.05 -7.28 -4.89
CA SER A 159 2.98 -6.41 -4.16
C SER A 159 4.33 -6.23 -4.86
N GLY A 160 4.87 -7.30 -5.43
CA GLY A 160 6.18 -7.24 -6.05
C GLY A 160 6.17 -7.10 -7.57
N VAL A 161 5.00 -7.10 -8.18
CA VAL A 161 4.89 -7.10 -9.64
C VAL A 161 5.41 -5.82 -10.29
N TYR A 162 5.51 -4.75 -9.51
CA TYR A 162 5.85 -3.43 -10.07
C TYR A 162 7.34 -3.18 -9.96
N THR A 163 8.02 -4.05 -9.21
CA THR A 163 9.46 -3.97 -9.05
C THR A 163 10.16 -4.97 -9.96
N PHE A 164 9.42 -5.48 -10.94
CA PHE A 164 10.00 -6.31 -12.00
C PHE A 164 10.57 -5.43 -13.11
N GLU A 174 6.24 -12.00 -18.42
CA GLU A 174 5.98 -12.59 -17.11
C GLU A 174 4.94 -11.76 -16.38
N LYS A 175 5.16 -10.45 -16.37
CA LYS A 175 4.25 -9.51 -15.73
C LYS A 175 2.83 -9.65 -16.29
N ASP A 176 2.72 -9.82 -17.60
CA ASP A 176 1.42 -9.96 -18.23
C ASP A 176 0.66 -11.16 -17.71
N HIS A 177 1.36 -12.28 -17.53
CA HIS A 177 0.75 -13.48 -16.98
C HIS A 177 0.25 -13.24 -15.57
N ILE A 178 1.09 -12.60 -14.76
CA ILE A 178 0.74 -12.27 -13.38
C ILE A 178 -0.52 -11.40 -13.33
N HIS A 179 -0.59 -10.43 -14.22
CA HIS A 179 -1.75 -9.55 -14.29
C HIS A 179 -2.99 -10.30 -14.75
N ARG A 180 -2.81 -11.28 -15.64
CA ARG A 180 -3.91 -12.13 -16.06
C ARG A 180 -4.46 -12.91 -14.86
N VAL A 181 -3.57 -13.52 -14.11
CA VAL A 181 -3.97 -14.24 -12.89
C VAL A 181 -4.69 -13.30 -11.94
N LEU A 182 -4.11 -12.12 -11.73
CA LEU A 182 -4.72 -11.09 -10.90
C LEU A 182 -6.14 -10.75 -11.39
N ASP A 183 -6.30 -10.59 -12.70
CA ASP A 183 -7.60 -10.35 -13.29
C ASP A 183 -8.57 -11.49 -12.96
N LYS A 184 -8.06 -12.71 -12.97
CA LYS A 184 -8.88 -13.89 -12.70
C LYS A 184 -9.41 -13.84 -11.27
N ILE A 185 -8.55 -13.47 -10.33
CA ILE A 185 -8.94 -13.40 -8.93
C ILE A 185 -9.99 -12.30 -8.72
N THR A 186 -9.82 -11.19 -9.44
CA THR A 186 -10.83 -10.13 -9.43
C THR A 186 -12.17 -10.70 -9.92
N ASP A 187 -12.13 -11.43 -11.01
CA ASP A 187 -13.33 -12.10 -11.51
C ASP A 187 -13.93 -12.97 -10.42
N THR A 188 -13.06 -13.69 -9.72
CA THR A 188 -13.49 -14.60 -8.66
C THR A 188 -14.18 -13.83 -7.54
N LEU A 189 -13.57 -12.73 -7.11
CA LEU A 189 -14.16 -11.88 -6.07
C LEU A 189 -15.55 -11.38 -6.45
N ILE A 190 -15.68 -10.86 -7.66
CA ILE A 190 -16.98 -10.39 -8.14
C ILE A 190 -18.00 -11.53 -8.17
N HIS A 191 -17.57 -12.68 -8.69
CA HIS A 191 -18.41 -13.88 -8.71
C HIS A 191 -18.99 -14.16 -7.32
N LEU A 192 -18.14 -14.12 -6.31
CA LEU A 192 -18.55 -14.39 -4.93
C LEU A 192 -19.60 -13.38 -4.46
N MET A 193 -19.36 -12.11 -4.73
CA MET A 193 -20.24 -11.06 -4.26
C MET A 193 -21.63 -11.16 -4.88
N ALA A 194 -21.67 -11.47 -6.19
CA ALA A 194 -22.93 -11.67 -6.88
C ALA A 194 -23.71 -12.84 -6.27
N LYS A 195 -22.99 -13.88 -5.87
CA LYS A 195 -23.60 -15.03 -5.21
C LYS A 195 -24.24 -14.63 -3.88
N ALA A 196 -23.58 -13.72 -3.17
CA ALA A 196 -24.08 -13.24 -1.89
C ALA A 196 -25.31 -12.35 -2.06
N GLY A 197 -25.72 -12.13 -3.31
CA GLY A 197 -26.91 -11.36 -3.60
C GLY A 197 -26.69 -9.86 -3.76
N LEU A 198 -25.44 -9.43 -3.67
CA LEU A 198 -25.12 -8.01 -3.83
C LEU A 198 -25.44 -7.49 -5.23
N THR A 199 -25.94 -6.26 -5.31
CA THR A 199 -26.21 -5.65 -6.60
C THR A 199 -24.92 -5.25 -7.30
N LEU A 200 -24.99 -4.99 -8.60
CA LEU A 200 -23.83 -4.56 -9.37
C LEU A 200 -23.07 -3.42 -8.69
N GLN A 201 -23.81 -2.45 -8.18
CA GLN A 201 -23.20 -1.30 -7.53
C GLN A 201 -22.52 -1.72 -6.23
N GLN A 202 -23.19 -2.61 -5.49
CA GLN A 202 -22.65 -3.09 -4.23
C GLN A 202 -21.39 -3.92 -4.46
N GLN A 203 -21.38 -4.64 -5.58
CA GLN A 203 -20.24 -5.46 -5.94
C GLN A 203 -18.99 -4.62 -6.19
N HIS A 204 -19.10 -3.59 -7.03
CA HIS A 204 -17.99 -2.67 -7.30
CA HIS A 204 -17.92 -2.79 -7.27
C HIS A 204 -17.51 -2.00 -6.02
N GLN A 205 -18.48 -1.50 -5.25
CA GLN A 205 -18.15 -0.81 -4.00
C GLN A 205 -17.40 -1.71 -3.03
N ARG A 206 -17.89 -2.94 -2.85
CA ARG A 206 -17.23 -3.88 -1.94
C ARG A 206 -15.84 -4.26 -2.46
N LEU A 207 -15.75 -4.55 -3.75
CA LEU A 207 -14.45 -4.82 -4.38
C LEU A 207 -13.46 -3.69 -4.05
N ALA A 208 -13.91 -2.46 -4.26
CA ALA A 208 -13.08 -1.30 -3.97
C ALA A 208 -12.63 -1.27 -2.52
N GLN A 209 -13.58 -1.46 -1.61
CA GLN A 209 -13.29 -1.45 -0.17
C GLN A 209 -12.25 -2.48 0.22
N LEU A 210 -12.37 -3.69 -0.34
CA LEU A 210 -11.44 -4.76 -0.01
C LEU A 210 -10.04 -4.42 -0.50
N LEU A 211 -9.95 -3.95 -1.73
CA LEU A 211 -8.67 -3.68 -2.36
C LEU A 211 -7.94 -2.49 -1.71
N LEU A 212 -8.69 -1.54 -1.20
CA LEU A 212 -8.10 -0.39 -0.54
C LEU A 212 -7.46 -0.73 0.81
N ILE A 213 -7.98 -1.77 1.47
CA ILE A 213 -7.38 -2.23 2.71
C ILE A 213 -5.98 -2.81 2.47
N LEU A 214 -5.75 -3.31 1.26
CA LEU A 214 -4.43 -3.81 0.90
C LEU A 214 -3.36 -2.72 0.98
N SER A 215 -3.77 -1.47 0.75
CA SER A 215 -2.86 -0.33 0.90
C SER A 215 -2.44 -0.14 2.36
N HIS A 216 -3.39 -0.27 3.27
CA HIS A 216 -3.10 -0.21 4.70
C HIS A 216 -2.20 -1.38 5.12
N ILE A 217 -2.46 -2.55 4.55
CA ILE A 217 -1.65 -3.73 4.84
C ILE A 217 -0.21 -3.55 4.36
N ARG A 218 -0.04 -2.99 3.17
CA ARG A 218 1.30 -2.62 2.72
C ARG A 218 1.95 -1.69 3.74
N HIS A 219 1.20 -0.69 4.18
CA HIS A 219 1.70 0.28 5.15
C HIS A 219 2.16 -0.40 6.44
N MET A 220 1.32 -1.26 7.00
CA MET A 220 1.67 -1.99 8.21
C MET A 220 2.93 -2.83 8.01
N SER A 221 3.06 -3.40 6.82
CA SER A 221 4.23 -4.22 6.50
C SER A 221 5.51 -3.38 6.50
N ASN A 222 5.49 -2.25 5.80
CA ASN A 222 6.64 -1.37 5.75
C ASN A 222 7.06 -0.87 7.13
N LYS A 223 6.09 -0.47 7.93
CA LYS A 223 6.37 -0.02 9.30
C LYS A 223 6.90 -1.17 10.15
N GLY A 224 6.31 -2.34 9.99
CA GLY A 224 6.77 -3.51 10.70
C GLY A 224 8.18 -3.90 10.32
N MET A 225 8.49 -3.76 9.03
CA MET A 225 9.81 -4.11 8.49
C MET A 225 10.93 -3.24 9.08
N GLU A 226 10.79 -1.93 8.96
CA GLU A 226 11.79 -1.01 9.49
CA GLU A 226 11.79 -1.02 9.50
C GLU A 226 12.11 -1.38 10.93
N HIS A 227 11.11 -1.99 11.56
CA HIS A 227 11.11 -2.22 12.99
C HIS A 227 11.81 -3.52 13.32
N LEU A 228 11.56 -4.56 12.53
CA LEU A 228 12.26 -5.82 12.70
C LEU A 228 13.74 -5.56 12.53
N TYR A 229 14.07 -4.67 11.61
CA TYR A 229 15.44 -4.25 11.39
C TYR A 229 16.02 -3.61 12.65
N SER A 230 15.20 -2.80 13.31
CA SER A 230 15.62 -2.11 14.52
C SER A 230 16.02 -3.10 15.62
N MET A 231 15.14 -4.06 15.87
CA MET A 231 15.36 -5.02 16.95
C MET A 231 16.54 -5.93 16.64
N LYS A 232 16.67 -6.30 15.36
CA LYS A 232 17.85 -7.01 14.91
C LYS A 232 19.08 -6.25 15.41
N CYS A 233 19.18 -4.98 14.99
CA CYS A 233 20.24 -4.10 15.42
C CYS A 233 20.42 -4.11 16.94
N LYS A 234 19.31 -3.96 17.65
CA LYS A 234 19.34 -3.97 19.11
C LYS A 234 19.72 -5.35 19.63
N ASN A 235 19.61 -6.35 18.76
CA ASN A 235 19.93 -7.73 19.10
C ASN A 235 19.35 -8.17 20.44
N VAL A 236 18.15 -7.70 20.75
CA VAL A 236 17.41 -8.19 21.90
C VAL A 236 17.29 -9.70 21.80
N VAL A 237 16.74 -10.15 20.67
CA VAL A 237 16.58 -11.56 20.39
C VAL A 237 17.17 -11.83 19.01
N PRO A 238 17.88 -12.96 18.86
CA PRO A 238 18.41 -13.30 17.54
C PRO A 238 17.30 -13.76 16.61
N LEU A 239 17.18 -13.12 15.44
CA LEU A 239 16.19 -13.51 14.46
C LEU A 239 16.64 -14.79 13.78
N SER A 240 15.69 -15.54 13.23
CA SER A 240 16.00 -16.77 12.51
C SER A 240 16.75 -16.45 11.22
N ASP A 241 17.48 -17.44 10.71
CA ASP A 241 18.18 -17.27 9.44
C ASP A 241 17.24 -16.89 8.30
N LEU A 242 16.07 -17.52 8.26
CA LEU A 242 15.09 -17.27 7.20
C LEU A 242 14.50 -15.87 7.31
N LEU A 243 14.15 -15.46 8.51
CA LEU A 243 13.60 -14.12 8.73
C LEU A 243 14.61 -13.06 8.32
N LEU A 244 15.85 -13.23 8.75
CA LEU A 244 16.91 -12.29 8.40
C LEU A 244 17.06 -12.18 6.89
N GLU A 245 16.95 -13.32 6.20
CA GLU A 245 17.05 -13.34 4.74
C GLU A 245 15.90 -12.59 4.10
N MET A 246 14.68 -12.85 4.55
CA MET A 246 13.50 -12.19 4.01
C MET A 246 13.56 -10.71 4.32
N LEU A 247 14.25 -10.40 5.42
CA LEU A 247 14.36 -9.03 5.91
C LEU A 247 15.37 -8.25 5.07
N ASP A 248 16.54 -8.83 4.88
CA ASP A 248 17.59 -8.19 4.12
CA ASP A 248 17.61 -8.19 4.11
C ASP A 248 17.18 -7.94 2.67
N ALA A 249 16.26 -8.76 2.17
CA ALA A 249 15.74 -8.57 0.82
C ALA A 249 15.10 -7.20 0.65
N HIS A 250 14.61 -6.64 1.76
CA HIS A 250 14.08 -5.28 1.75
C HIS A 250 15.20 -4.27 2.02
N ARG A 251 16.29 -4.43 1.30
CA ARG A 251 17.45 -3.54 1.41
C ARG A 251 18.40 -3.77 0.24
N SER B 8 -24.32 16.53 3.86
CA SER B 8 -23.15 16.66 2.99
C SER B 8 -23.55 16.89 1.54
N LEU B 9 -22.56 17.22 0.71
CA LEU B 9 -22.83 17.71 -0.63
C LEU B 9 -22.15 16.84 -1.71
N ALA B 10 -21.03 16.23 -1.34
CA ALA B 10 -20.30 15.35 -2.24
C ALA B 10 -21.13 14.12 -2.60
N LEU B 11 -22.04 13.76 -1.69
CA LEU B 11 -22.83 12.54 -1.84
C LEU B 11 -23.97 12.68 -2.83
N SER B 12 -24.31 13.92 -3.18
CA SER B 12 -25.43 14.16 -4.09
C SER B 12 -24.97 14.51 -5.50
N LEU B 13 -23.66 14.57 -5.71
CA LEU B 13 -23.12 14.85 -7.04
C LEU B 13 -23.32 13.66 -7.97
N THR B 14 -23.56 13.95 -9.24
CA THR B 14 -23.55 12.90 -10.25
C THR B 14 -22.10 12.50 -10.50
N ALA B 15 -21.90 11.40 -11.21
CA ALA B 15 -20.55 10.96 -11.56
C ALA B 15 -19.85 12.04 -12.38
N ASP B 16 -20.56 12.59 -13.36
CA ASP B 16 -20.00 13.63 -14.22
C ASP B 16 -19.70 14.91 -13.43
N GLN B 17 -20.51 15.18 -12.42
CA GLN B 17 -20.27 16.35 -11.56
C GLN B 17 -19.06 16.12 -10.67
N MET B 18 -18.91 14.90 -10.17
CA MET B 18 -17.73 14.55 -9.39
C MET B 18 -16.47 14.78 -10.22
N VAL B 19 -16.44 14.22 -11.43
CA VAL B 19 -15.31 14.38 -12.34
C VAL B 19 -14.99 15.87 -12.57
N SER B 20 -16.00 16.65 -12.89
CA SER B 20 -15.81 18.08 -13.14
C SER B 20 -15.25 18.79 -11.91
N ALA B 21 -15.78 18.46 -10.73
CA ALA B 21 -15.29 19.06 -9.50
C ALA B 21 -13.81 18.76 -9.31
N LEU B 22 -13.44 17.50 -9.49
CA LEU B 22 -12.05 17.09 -9.32
C LEU B 22 -11.14 17.69 -10.38
N LEU B 23 -11.54 17.63 -11.63
CA LEU B 23 -10.74 18.21 -12.71
C LEU B 23 -10.45 19.67 -12.42
N ASP B 24 -11.48 20.35 -11.92
CA ASP B 24 -11.48 21.79 -11.63
C ASP B 24 -10.55 22.14 -10.48
N ALA B 25 -10.36 21.18 -9.58
CA ALA B 25 -9.62 21.41 -8.35
C ALA B 25 -8.13 21.16 -8.55
N GLU B 26 -7.77 20.59 -9.70
CA GLU B 26 -6.38 20.26 -9.97
C GLU B 26 -5.42 21.40 -9.67
N PRO B 27 -4.34 21.09 -8.94
CA PRO B 27 -3.31 22.09 -8.68
C PRO B 27 -2.56 22.35 -9.98
N PRO B 28 -1.81 23.45 -10.06
CA PRO B 28 -1.06 23.74 -11.28
C PRO B 28 0.27 23.00 -11.30
N ILE B 29 0.91 22.93 -12.47
CA ILE B 29 2.26 22.43 -12.58
C ILE B 29 3.21 23.57 -12.25
N LEU B 30 4.13 23.32 -11.32
CA LEU B 30 5.06 24.35 -10.86
C LEU B 30 6.39 24.18 -11.56
N TYR B 31 7.13 25.29 -11.67
CA TYR B 31 8.46 25.24 -12.25
C TYR B 31 9.52 25.12 -11.17
N SER B 32 10.61 24.46 -11.52
CA SER B 32 11.76 24.39 -10.63
C SER B 32 12.54 25.69 -10.77
N GLU B 33 13.50 25.93 -9.88
CA GLU B 33 14.45 26.99 -10.11
C GLU B 33 15.36 26.40 -11.17
N TYR B 34 16.61 26.16 -10.83
CA TYR B 34 17.46 25.28 -11.65
C TYR B 34 18.03 25.91 -12.92
N ASP B 35 19.34 25.77 -13.07
CA ASP B 35 20.04 26.24 -14.26
CA ASP B 35 20.06 26.25 -14.24
C ASP B 35 20.68 25.05 -14.97
N PRO B 36 20.19 24.77 -16.19
CA PRO B 36 20.58 23.61 -17.00
C PRO B 36 22.08 23.59 -17.32
N THR B 37 22.72 24.75 -17.20
CA THR B 37 24.14 24.86 -17.47
C THR B 37 24.98 24.54 -16.24
N ARG B 38 24.86 23.31 -15.77
CA ARG B 38 25.62 22.80 -14.63
C ARG B 38 25.01 21.48 -14.20
N PRO B 39 25.79 20.38 -14.29
CA PRO B 39 25.29 19.14 -13.71
C PRO B 39 24.99 19.32 -12.23
N PHE B 40 24.29 18.34 -11.64
CA PHE B 40 23.88 18.42 -10.26
C PHE B 40 24.87 17.76 -9.32
N SER B 41 24.99 18.31 -8.12
CA SER B 41 25.61 17.62 -7.02
C SER B 41 24.47 17.02 -6.22
N GLU B 42 24.80 16.18 -5.25
CA GLU B 42 23.76 15.65 -4.36
C GLU B 42 23.04 16.81 -3.69
N ALA B 43 23.82 17.75 -3.18
CA ALA B 43 23.29 18.88 -2.43
C ALA B 43 22.39 19.78 -3.29
N SER B 44 22.79 20.02 -4.53
CA SER B 44 22.05 20.92 -5.39
C SER B 44 20.76 20.29 -5.89
N MET B 45 20.82 19.00 -6.21
CA MET B 45 19.61 18.29 -6.63
C MET B 45 18.60 18.25 -5.49
N MET B 46 19.06 17.88 -4.30
CA MET B 46 18.18 17.85 -3.13
C MET B 46 17.59 19.24 -2.84
N GLY B 47 18.42 20.26 -3.01
CA GLY B 47 17.97 21.64 -2.83
C GLY B 47 16.79 21.96 -3.73
N LEU B 48 16.96 21.75 -5.03
CA LEU B 48 15.90 21.99 -6.00
C LEU B 48 14.66 21.18 -5.69
N LEU B 49 14.83 19.88 -5.46
CA LEU B 49 13.70 18.99 -5.21
C LEU B 49 12.94 19.39 -3.96
N THR B 50 13.68 19.73 -2.91
CA THR B 50 13.09 20.15 -1.65
C THR B 50 12.29 21.44 -1.82
N ASN B 51 12.87 22.41 -2.51
CA ASN B 51 12.19 23.68 -2.75
C ASN B 51 10.92 23.46 -3.57
N LEU B 52 11.01 22.57 -4.55
CA LEU B 52 9.87 22.23 -5.40
C LEU B 52 8.78 21.51 -4.60
N ALA B 53 9.16 20.48 -3.86
CA ALA B 53 8.20 19.72 -3.09
C ALA B 53 7.46 20.61 -2.09
N ASP B 54 8.21 21.46 -1.41
CA ASP B 54 7.64 22.40 -0.46
C ASP B 54 6.54 23.25 -1.08
N ARG B 55 6.78 23.75 -2.30
CA ARG B 55 5.79 24.58 -2.97
C ARG B 55 4.59 23.76 -3.46
N GLU B 56 4.84 22.56 -3.96
CA GLU B 56 3.76 21.66 -4.33
C GLU B 56 2.86 21.36 -3.13
N LEU B 57 3.47 21.27 -1.95
CA LEU B 57 2.74 20.95 -0.73
C LEU B 57 1.69 22.00 -0.44
N VAL B 58 2.07 23.26 -0.56
CA VAL B 58 1.14 24.35 -0.32
C VAL B 58 -0.06 24.23 -1.24
N HIS B 59 0.19 23.93 -2.51
CA HIS B 59 -0.90 23.79 -3.48
C HIS B 59 -1.75 22.56 -3.21
N MET B 60 -1.12 21.47 -2.78
CA MET B 60 -1.85 20.25 -2.50
C MET B 60 -2.86 20.47 -1.39
N ILE B 61 -2.42 21.14 -0.34
CA ILE B 61 -3.28 21.43 0.80
C ILE B 61 -4.55 22.15 0.38
N ASN B 62 -4.41 23.12 -0.52
CA ASN B 62 -5.57 23.84 -1.03
C ASN B 62 -6.40 23.01 -2.01
N TRP B 63 -5.75 22.12 -2.73
CA TRP B 63 -6.47 21.19 -3.59
C TRP B 63 -7.39 20.32 -2.73
N ALA B 64 -6.87 19.85 -1.61
CA ALA B 64 -7.60 18.94 -0.73
C ALA B 64 -8.92 19.56 -0.27
N LYS B 65 -8.90 20.87 -0.03
CA LYS B 65 -10.10 21.56 0.40
C LYS B 65 -11.15 21.58 -0.70
N ARG B 66 -10.71 21.40 -1.94
CA ARG B 66 -11.62 21.42 -3.08
C ARG B 66 -12.12 20.03 -3.45
N VAL B 67 -11.55 19.01 -2.79
CA VAL B 67 -12.03 17.64 -2.98
C VAL B 67 -13.34 17.46 -2.23
N PRO B 68 -14.41 17.09 -2.97
CA PRO B 68 -15.74 16.95 -2.39
C PRO B 68 -15.72 16.08 -1.12
N GLY B 69 -16.38 16.55 -0.07
CA GLY B 69 -16.46 15.81 1.18
C GLY B 69 -15.37 16.18 2.17
N PHE B 70 -14.20 16.54 1.66
CA PHE B 70 -13.04 16.80 2.53
C PHE B 70 -13.29 17.92 3.54
N VAL B 71 -13.91 19.00 3.10
CA VAL B 71 -14.13 20.14 3.98
C VAL B 71 -15.24 19.86 5.00
N ASP B 72 -16.04 18.82 4.73
CA ASP B 72 -17.08 18.39 5.66
C ASP B 72 -16.46 17.75 6.89
N LEU B 73 -15.16 17.46 6.81
CA LEU B 73 -14.45 16.81 7.90
C LEU B 73 -13.97 17.83 8.92
N THR B 74 -13.81 17.40 10.15
CA THR B 74 -13.23 18.25 11.19
C THR B 74 -11.79 18.55 10.82
N LEU B 75 -11.26 19.67 11.34
CA LEU B 75 -9.88 20.07 11.07
C LEU B 75 -8.91 18.97 11.44
N HIS B 76 -9.09 18.40 12.62
CA HIS B 76 -8.23 17.35 13.12
C HIS B 76 -8.13 16.18 12.13
N ASP B 77 -9.26 15.80 11.55
CA ASP B 77 -9.29 14.71 10.58
C ASP B 77 -8.65 15.10 9.25
N GLN B 78 -8.83 16.35 8.84
CA GLN B 78 -8.21 16.83 7.62
C GLN B 78 -6.70 16.76 7.77
N VAL B 79 -6.20 17.24 8.90
CA VAL B 79 -4.78 17.19 9.22
C VAL B 79 -4.27 15.75 9.18
N HIS B 80 -4.99 14.85 9.86
CA HIS B 80 -4.60 13.44 9.88
C HIS B 80 -4.45 12.87 8.47
N LEU B 81 -5.48 13.05 7.65
CA LEU B 81 -5.47 12.50 6.30
C LEU B 81 -4.31 13.04 5.46
N LEU B 82 -4.05 14.34 5.59
CA LEU B 82 -2.99 14.97 4.81
C LEU B 82 -1.60 14.55 5.29
N GLU B 83 -1.42 14.48 6.61
CA GLU B 83 -0.14 14.00 7.16
C GLU B 83 0.16 12.58 6.72
N CYS B 84 -0.89 11.77 6.58
CA CYS B 84 -0.74 10.40 6.13
C CYS B 84 -0.44 10.29 4.63
N ALA B 85 -1.14 11.08 3.82
CA ALA B 85 -1.13 10.87 2.37
C ALA B 85 -0.24 11.82 1.56
N TRP B 86 0.32 12.84 2.21
CA TRP B 86 0.99 13.90 1.45
C TRP B 86 2.01 13.40 0.42
N LEU B 87 2.89 12.48 0.82
CA LEU B 87 3.91 12.01 -0.10
C LEU B 87 3.33 11.11 -1.19
N GLU B 88 2.36 10.26 -0.84
CA GLU B 88 1.66 9.47 -1.83
C GLU B 88 1.06 10.36 -2.92
N ILE B 89 0.51 11.49 -2.49
CA ILE B 89 -0.15 12.42 -3.40
C ILE B 89 0.86 13.16 -4.29
N LEU B 90 1.97 13.61 -3.70
CA LEU B 90 3.02 14.23 -4.49
C LEU B 90 3.55 13.25 -5.51
N MET B 91 3.68 11.99 -5.10
CA MET B 91 4.21 10.96 -5.95
C MET B 91 3.30 10.62 -7.14
N ILE B 92 2.01 10.41 -6.87
CA ILE B 92 1.12 10.05 -7.96
C ILE B 92 1.03 11.20 -8.96
N GLY B 93 1.08 12.43 -8.45
CA GLY B 93 1.09 13.59 -9.32
C GLY B 93 2.33 13.58 -10.19
N LEU B 94 3.47 13.27 -9.58
CA LEU B 94 4.73 13.23 -10.32
C LEU B 94 4.70 12.20 -11.44
N VAL B 95 4.20 11.00 -11.15
CA VAL B 95 4.19 9.96 -12.17
C VAL B 95 3.13 10.26 -13.24
N TRP B 96 2.03 10.91 -12.84
CA TRP B 96 1.02 11.30 -13.82
C TRP B 96 1.61 12.25 -14.86
N ARG B 97 2.33 13.27 -14.42
CA ARG B 97 2.87 14.24 -15.37
C ARG B 97 4.12 13.70 -16.08
N SER B 98 4.61 12.56 -15.62
CA SER B 98 5.75 11.92 -16.25
C SER B 98 5.34 10.88 -17.29
N MET B 99 4.03 10.61 -17.37
CA MET B 99 3.51 9.55 -18.25
C MET B 99 3.99 9.65 -19.69
N GLU B 100 3.95 10.85 -20.26
CA GLU B 100 4.31 11.04 -21.66
C GLU B 100 5.81 11.22 -21.83
N HIS B 101 6.58 10.84 -20.81
CA HIS B 101 8.03 10.94 -20.87
C HIS B 101 8.69 9.66 -20.37
N PRO B 102 8.50 8.57 -21.11
CA PRO B 102 9.05 7.26 -20.73
C PRO B 102 10.53 7.35 -20.38
N GLY B 103 10.92 6.69 -19.29
CA GLY B 103 12.30 6.68 -18.87
C GLY B 103 12.71 7.89 -18.04
N LYS B 104 11.86 8.91 -17.99
CA LYS B 104 12.18 10.13 -17.27
C LYS B 104 11.07 10.54 -16.30
N LEU B 105 11.46 11.31 -15.28
CA LEU B 105 10.49 11.89 -14.35
C LEU B 105 10.41 13.39 -14.54
N LEU B 106 9.21 13.88 -14.82
CA LEU B 106 9.01 15.30 -15.05
C LEU B 106 8.68 16.02 -13.75
N PHE B 107 9.71 16.31 -12.96
CA PHE B 107 9.51 17.03 -11.70
C PHE B 107 8.92 18.42 -11.96
N ALA B 108 9.27 18.98 -13.12
CA ALA B 108 8.74 20.27 -13.56
C ALA B 108 9.08 20.41 -15.03
N PRO B 109 8.35 21.28 -15.76
CA PRO B 109 8.63 21.42 -17.19
C PRO B 109 10.11 21.68 -17.46
N ASN B 110 10.77 22.42 -16.57
CA ASN B 110 12.18 22.72 -16.71
C ASN B 110 13.08 21.81 -15.86
N LEU B 111 12.56 20.63 -15.51
CA LEU B 111 13.30 19.69 -14.69
C LEU B 111 12.85 18.25 -14.96
N LEU B 112 13.34 17.70 -16.06
CA LEU B 112 12.99 16.34 -16.47
C LEU B 112 14.23 15.46 -16.30
N LEU B 113 14.13 14.45 -15.44
CA LEU B 113 15.32 13.67 -15.06
C LEU B 113 15.19 12.17 -15.38
N ASP B 114 16.29 11.57 -15.81
CA ASP B 114 16.36 10.12 -15.97
C ASP B 114 17.01 9.49 -14.73
N ARG B 115 16.98 8.16 -14.64
CA ARG B 115 17.42 7.48 -13.43
C ARG B 115 18.91 7.68 -13.12
N ASN B 116 19.70 7.94 -14.15
CA ASN B 116 21.12 8.20 -13.96
C ASN B 116 21.36 9.44 -13.12
N GLN B 117 20.48 10.43 -13.28
CA GLN B 117 20.57 11.65 -12.52
C GLN B 117 20.05 11.44 -11.11
N GLY B 118 19.12 10.49 -10.95
CA GLY B 118 18.65 10.10 -9.63
C GLY B 118 19.77 9.49 -8.80
N LYS B 119 20.83 9.07 -9.46
CA LYS B 119 21.99 8.50 -8.77
C LYS B 119 22.77 9.56 -8.01
N CYS B 120 22.61 10.82 -8.42
CA CYS B 120 23.33 11.92 -7.79
C CYS B 120 22.98 12.03 -6.30
N VAL B 121 21.82 11.50 -5.93
CA VAL B 121 21.41 11.51 -4.53
C VAL B 121 21.39 10.09 -3.96
N GLU B 122 22.10 9.90 -2.87
CA GLU B 122 22.26 8.59 -2.25
C GLU B 122 20.92 7.99 -1.83
N GLY B 123 20.60 6.83 -2.40
CA GLY B 123 19.37 6.11 -2.05
C GLY B 123 18.16 6.52 -2.85
N MET B 124 18.31 7.54 -3.71
CA MET B 124 17.17 8.08 -4.45
C MET B 124 16.82 7.26 -5.70
N VAL B 125 17.82 6.61 -6.29
CA VAL B 125 17.62 5.87 -7.53
C VAL B 125 16.62 4.71 -7.37
N GLU B 126 16.62 4.07 -6.21
CA GLU B 126 15.67 3.01 -5.91
C GLU B 126 14.24 3.53 -6.04
N ILE B 127 13.98 4.69 -5.45
CA ILE B 127 12.65 5.27 -5.47
C ILE B 127 12.32 5.78 -6.87
N PHE B 128 13.33 6.33 -7.54
CA PHE B 128 13.23 6.71 -8.95
C PHE B 128 12.73 5.56 -9.79
N ASP B 129 13.39 4.41 -9.66
CA ASP B 129 13.02 3.21 -10.42
C ASP B 129 11.55 2.83 -10.19
N MET B 130 11.10 2.91 -8.94
CA MET B 130 9.72 2.57 -8.62
C MET B 130 8.75 3.58 -9.22
N LEU B 131 9.12 4.86 -9.18
CA LEU B 131 8.28 5.90 -9.75
C LEU B 131 8.14 5.71 -11.26
N LEU B 132 9.26 5.38 -11.91
CA LEU B 132 9.27 5.13 -13.35
C LEU B 132 8.44 3.90 -13.71
N ALA B 133 8.53 2.86 -12.89
CA ALA B 133 7.75 1.64 -13.10
C ALA B 133 6.27 1.95 -12.99
N THR B 134 5.92 2.82 -12.06
CA THR B 134 4.53 3.26 -11.90
C THR B 134 4.08 4.03 -13.13
N SER B 135 4.94 4.92 -13.62
CA SER B 135 4.63 5.70 -14.81
C SER B 135 4.44 4.77 -16.00
N SER B 136 5.33 3.78 -16.10
CA SER B 136 5.24 2.81 -17.18
C SER B 136 3.94 2.02 -17.11
N ARG B 137 3.49 1.70 -15.89
CA ARG B 137 2.25 0.97 -15.69
C ARG B 137 1.03 1.80 -16.09
N PHE B 138 0.98 3.06 -15.64
CA PHE B 138 -0.09 3.97 -16.04
C PHE B 138 -0.16 4.09 -17.55
N ARG B 139 1.02 4.13 -18.17
CA ARG B 139 1.13 4.31 -19.61
C ARG B 139 0.55 3.11 -20.35
N MET B 140 0.89 1.92 -19.87
CA MET B 140 0.40 0.68 -20.47
C MET B 140 -1.10 0.49 -20.27
N MET B 141 -1.63 1.01 -19.17
CA MET B 141 -3.06 0.94 -18.91
C MET B 141 -3.80 2.06 -19.62
N ASN B 142 -3.04 2.96 -20.22
CA ASN B 142 -3.61 4.17 -20.84
C ASN B 142 -4.49 4.92 -19.85
N LEU B 143 -3.95 5.16 -18.67
CA LEU B 143 -4.68 5.87 -17.62
C LEU B 143 -5.16 7.23 -18.13
N GLN B 144 -6.43 7.54 -17.87
CA GLN B 144 -7.02 8.79 -18.32
C GLN B 144 -7.00 9.82 -17.19
N GLY B 145 -6.97 11.10 -17.58
CA GLY B 145 -6.97 12.20 -16.62
C GLY B 145 -8.12 12.11 -15.64
N GLU B 146 -9.30 11.74 -16.14
CA GLU B 146 -10.48 11.60 -15.29
C GLU B 146 -10.29 10.48 -14.26
N GLU B 147 -9.58 9.43 -14.66
CA GLU B 147 -9.32 8.31 -13.75
C GLU B 147 -8.27 8.73 -12.72
N PHE B 148 -7.26 9.47 -13.17
CA PHE B 148 -6.20 9.94 -12.31
C PHE B 148 -6.72 10.77 -11.13
N VAL B 149 -7.57 11.75 -11.42
CA VAL B 149 -8.08 12.62 -10.35
C VAL B 149 -8.90 11.83 -9.33
N CYS B 150 -9.65 10.84 -9.80
CA CYS B 150 -10.37 9.96 -8.90
C CYS B 150 -9.40 9.23 -7.96
N LEU B 151 -8.34 8.68 -8.53
CA LEU B 151 -7.35 7.92 -7.75
C LEU B 151 -6.68 8.78 -6.68
N LYS B 152 -6.28 9.99 -7.08
CA LYS B 152 -5.61 10.91 -6.17
C LYS B 152 -6.50 11.27 -4.99
N SER B 153 -7.78 11.47 -5.26
CA SER B 153 -8.76 11.74 -4.20
C SER B 153 -8.94 10.53 -3.29
N ILE B 154 -8.98 9.35 -3.88
CA ILE B 154 -9.09 8.12 -3.11
C ILE B 154 -7.94 8.00 -2.12
N ILE B 155 -6.73 8.29 -2.60
CA ILE B 155 -5.55 8.28 -1.73
C ILE B 155 -5.73 9.20 -0.53
N LEU B 156 -6.13 10.45 -0.80
CA LEU B 156 -6.33 11.44 0.26
C LEU B 156 -7.28 10.92 1.34
N LEU B 157 -8.38 10.31 0.93
CA LEU B 157 -9.41 9.87 1.87
C LEU B 157 -9.10 8.50 2.47
N ASN B 158 -8.48 7.64 1.69
CA ASN B 158 -8.27 6.26 2.14
C ASN B 158 -7.07 6.03 3.05
N SER B 159 -5.93 6.58 2.68
CA SER B 159 -4.66 6.23 3.33
C SER B 159 -4.69 6.35 4.85
N GLY B 160 -5.30 7.42 5.36
CA GLY B 160 -5.31 7.66 6.79
C GLY B 160 -6.58 7.25 7.50
N VAL B 161 -7.57 6.73 6.76
CA VAL B 161 -8.89 6.48 7.34
C VAL B 161 -8.87 5.64 8.64
N TYR B 162 -7.84 5.91 9.45
CA TYR B 162 -7.74 5.40 10.82
C TYR B 162 -7.21 6.46 11.78
N GLU B 173 -18.89 6.68 11.62
CA GLU B 173 -19.15 8.03 12.11
C GLU B 173 -18.59 9.04 11.14
N GLU B 174 -17.48 9.68 11.53
CA GLU B 174 -16.66 10.43 10.60
C GLU B 174 -16.17 9.46 9.53
N LYS B 175 -15.67 8.32 9.99
CA LYS B 175 -15.19 7.27 9.11
C LYS B 175 -16.25 6.84 8.11
N ASP B 176 -17.48 6.71 8.59
CA ASP B 176 -18.58 6.28 7.73
C ASP B 176 -18.79 7.25 6.57
N HIS B 177 -18.71 8.56 6.87
CA HIS B 177 -18.87 9.57 5.84
C HIS B 177 -17.75 9.47 4.82
N ILE B 178 -16.52 9.30 5.30
CA ILE B 178 -15.37 9.14 4.42
C ILE B 178 -15.54 7.95 3.50
N HIS B 179 -16.04 6.84 4.05
CA HIS B 179 -16.26 5.65 3.25
C HIS B 179 -17.38 5.85 2.23
N ARG B 180 -18.38 6.64 2.59
CA ARG B 180 -19.43 6.99 1.65
C ARG B 180 -18.85 7.75 0.48
N VAL B 181 -18.05 8.77 0.78
CA VAL B 181 -17.39 9.54 -0.27
C VAL B 181 -16.55 8.62 -1.14
N LEU B 182 -15.77 7.75 -0.50
CA LEU B 182 -14.96 6.76 -1.20
C LEU B 182 -15.82 5.91 -2.12
N ASP B 183 -16.97 5.45 -1.62
CA ASP B 183 -17.91 4.69 -2.42
C ASP B 183 -18.35 5.49 -3.64
N LYS B 184 -18.55 6.79 -3.45
CA LYS B 184 -19.00 7.67 -4.53
C LYS B 184 -17.95 7.73 -5.64
N ILE B 185 -16.69 7.84 -5.24
CA ILE B 185 -15.61 7.92 -6.22
C ILE B 185 -15.49 6.60 -6.99
N THR B 186 -15.67 5.49 -6.29
CA THR B 186 -15.75 4.19 -6.94
C THR B 186 -16.85 4.18 -8.00
N ASP B 187 -18.03 4.66 -7.62
CA ASP B 187 -19.13 4.79 -8.55
C ASP B 187 -18.70 5.62 -9.76
N THR B 188 -17.98 6.70 -9.48
CA THR B 188 -17.52 7.60 -10.53
C THR B 188 -16.55 6.89 -11.49
N LEU B 189 -15.60 6.16 -10.92
CA LEU B 189 -14.66 5.37 -11.73
C LEU B 189 -15.37 4.39 -12.66
N ILE B 190 -16.31 3.63 -12.11
CA ILE B 190 -17.08 2.69 -12.91
C ILE B 190 -17.85 3.41 -14.00
N HIS B 191 -18.50 4.52 -13.63
CA HIS B 191 -19.22 5.35 -14.60
C HIS B 191 -18.33 5.69 -15.80
N LEU B 192 -17.11 6.13 -15.51
CA LEU B 192 -16.17 6.50 -16.56
C LEU B 192 -15.84 5.32 -17.47
N MET B 193 -15.58 4.17 -16.87
CA MET B 193 -15.18 2.99 -17.65
C MET B 193 -16.30 2.52 -18.57
N ALA B 194 -17.53 2.54 -18.08
CA ALA B 194 -18.69 2.18 -18.89
C ALA B 194 -18.83 3.14 -20.08
N LYS B 195 -18.53 4.41 -19.86
CA LYS B 195 -18.56 5.40 -20.93
C LYS B 195 -17.52 5.08 -22.00
N ALA B 196 -16.37 4.58 -21.57
CA ALA B 196 -15.30 4.23 -22.50
C ALA B 196 -15.64 2.98 -23.30
N GLY B 197 -16.81 2.40 -23.03
CA GLY B 197 -17.28 1.24 -23.77
C GLY B 197 -16.86 -0.10 -23.19
N LEU B 198 -16.17 -0.09 -22.06
CA LEU B 198 -15.73 -1.33 -21.42
C LEU B 198 -16.91 -2.17 -20.95
N THR B 199 -16.78 -3.49 -21.08
CA THR B 199 -17.81 -4.40 -20.61
C THR B 199 -17.78 -4.49 -19.09
N LEU B 200 -18.86 -5.01 -18.50
CA LEU B 200 -18.95 -5.17 -17.05
C LEU B 200 -17.70 -5.84 -16.48
N GLN B 201 -17.25 -6.89 -17.14
CA GLN B 201 -16.07 -7.63 -16.68
C GLN B 201 -14.83 -6.77 -16.78
N GLN B 202 -14.71 -6.03 -17.87
CA GLN B 202 -13.57 -5.16 -18.08
C GLN B 202 -13.55 -4.03 -17.07
N GLN B 203 -14.74 -3.57 -16.68
CA GLN B 203 -14.86 -2.49 -15.71
C GLN B 203 -14.32 -2.91 -14.35
N HIS B 204 -14.77 -4.08 -13.86
CA HIS B 204 -14.29 -4.60 -12.59
C HIS B 204 -12.80 -4.83 -12.62
N GLN B 205 -12.34 -5.48 -13.69
CA GLN B 205 -10.92 -5.77 -13.85
C GLN B 205 -10.06 -4.50 -13.84
N ARG B 206 -10.49 -3.48 -14.57
CA ARG B 206 -9.75 -2.23 -14.62
C ARG B 206 -9.78 -1.52 -13.27
N LEU B 207 -10.95 -1.46 -12.65
CA LEU B 207 -11.07 -0.92 -11.30
C LEU B 207 -10.06 -1.58 -10.37
N ALA B 208 -10.01 -2.91 -10.40
CA ALA B 208 -9.07 -3.65 -9.57
C ALA B 208 -7.64 -3.25 -9.86
N GLN B 209 -7.28 -3.21 -11.14
CA GLN B 209 -5.92 -2.86 -11.54
C GLN B 209 -5.51 -1.48 -11.05
N LEU B 210 -6.41 -0.51 -11.14
CA LEU B 210 -6.11 0.84 -10.70
C LEU B 210 -5.89 0.88 -9.19
N LEU B 211 -6.78 0.24 -8.44
CA LEU B 211 -6.73 0.29 -6.99
C LEU B 211 -5.52 -0.45 -6.42
N LEU B 212 -5.05 -1.48 -7.13
CA LEU B 212 -3.89 -2.24 -6.68
C LEU B 212 -2.60 -1.44 -6.81
N ILE B 213 -2.56 -0.52 -7.76
CA ILE B 213 -1.39 0.33 -7.94
C ILE B 213 -1.23 1.27 -6.74
N LEU B 214 -2.35 1.58 -6.08
CA LEU B 214 -2.32 2.39 -4.86
C LEU B 214 -1.49 1.75 -3.76
N SER B 215 -1.43 0.42 -3.76
CA SER B 215 -0.61 -0.31 -2.81
C SER B 215 0.87 -0.07 -3.07
N HIS B 216 1.25 -0.07 -4.33
CA HIS B 216 2.62 0.23 -4.73
C HIS B 216 2.97 1.67 -4.39
N ILE B 217 2.00 2.57 -4.57
CA ILE B 217 2.20 3.98 -4.25
C ILE B 217 2.39 4.18 -2.75
N ARG B 218 1.61 3.47 -1.94
CA ARG B 218 1.85 3.48 -0.50
C ARG B 218 3.27 3.04 -0.22
N HIS B 219 3.68 1.96 -0.87
CA HIS B 219 5.01 1.39 -0.68
C HIS B 219 6.10 2.42 -1.01
N MET B 220 5.99 3.05 -2.18
CA MET B 220 6.95 4.07 -2.58
C MET B 220 7.00 5.21 -1.55
N SER B 221 5.83 5.57 -1.02
CA SER B 221 5.76 6.64 -0.04
C SER B 221 6.51 6.28 1.24
N ASN B 222 6.25 5.08 1.77
CA ASN B 222 6.93 4.62 2.98
C ASN B 222 8.43 4.57 2.82
N LYS B 223 8.90 4.03 1.69
CA LYS B 223 10.33 3.97 1.41
C LYS B 223 10.91 5.38 1.24
N GLY B 224 10.17 6.25 0.56
CA GLY B 224 10.61 7.63 0.38
C GLY B 224 10.70 8.36 1.69
N MET B 225 9.74 8.09 2.58
CA MET B 225 9.68 8.74 3.89
C MET B 225 10.90 8.41 4.76
N GLU B 226 11.15 7.11 4.97
CA GLU B 226 12.31 6.64 5.72
C GLU B 226 13.52 7.43 5.30
N HIS B 227 13.54 7.73 4.02
CA HIS B 227 14.71 8.29 3.35
C HIS B 227 14.80 9.78 3.59
N LEU B 228 13.70 10.48 3.43
CA LEU B 228 13.72 11.92 3.72
C LEU B 228 14.22 12.13 5.13
N TYR B 229 13.84 11.23 6.03
CA TYR B 229 14.32 11.25 7.40
C TYR B 229 15.83 11.09 7.44
N SER B 230 16.34 10.19 6.61
CA SER B 230 17.77 9.92 6.54
C SER B 230 18.57 11.17 6.18
N MET B 231 18.15 11.84 5.11
CA MET B 231 18.85 13.01 4.60
C MET B 231 18.76 14.17 5.58
N LYS B 232 17.59 14.30 6.20
CA LYS B 232 17.43 15.26 7.28
C LYS B 232 18.57 15.04 8.26
N CYS B 233 18.65 13.82 8.80
CA CYS B 233 19.71 13.44 9.71
C CYS B 233 21.09 13.79 9.17
N LYS B 234 21.33 13.43 7.91
CA LYS B 234 22.61 13.73 7.26
C LYS B 234 22.77 15.23 7.07
N ASN B 235 21.65 15.95 7.17
CA ASN B 235 21.64 17.40 7.00
C ASN B 235 22.43 17.89 5.79
N VAL B 236 22.39 17.12 4.71
CA VAL B 236 22.94 17.56 3.44
C VAL B 236 22.34 18.90 3.08
N VAL B 237 21.01 18.92 3.03
CA VAL B 237 20.25 20.12 2.73
C VAL B 237 19.21 20.29 3.82
N PRO B 238 18.99 21.53 4.26
CA PRO B 238 17.94 21.77 5.26
C PRO B 238 16.56 21.65 4.62
N LEU B 239 15.72 20.79 5.19
CA LEU B 239 14.35 20.66 4.70
C LEU B 239 13.53 21.86 5.15
N SER B 240 12.46 22.14 4.42
CA SER B 240 11.57 23.25 4.77
C SER B 240 10.83 22.94 6.06
N ASP B 241 10.34 23.98 6.72
CA ASP B 241 9.58 23.82 7.95
C ASP B 241 8.35 22.94 7.75
N LEU B 242 7.67 23.15 6.62
CA LEU B 242 6.46 22.38 6.32
C LEU B 242 6.76 20.91 6.06
N LEU B 243 7.79 20.65 5.26
CA LEU B 243 8.20 19.28 4.98
C LEU B 243 8.57 18.53 6.25
N LEU B 244 9.36 19.18 7.10
CA LEU B 244 9.76 18.59 8.37
C LEU B 244 8.55 18.25 9.23
N GLU B 245 7.56 19.15 9.23
CA GLU B 245 6.32 18.92 9.97
C GLU B 245 5.56 17.70 9.44
N MET B 246 5.38 17.65 8.12
CA MET B 246 4.67 16.55 7.49
C MET B 246 5.43 15.26 7.69
N LEU B 247 6.75 15.40 7.85
CA LEU B 247 7.64 14.27 8.00
C LEU B 247 7.56 13.71 9.42
N ASP B 248 7.66 14.61 10.40
CA ASP B 248 7.58 14.24 11.81
C ASP B 248 6.26 13.56 12.15
N ALA B 249 5.21 13.92 11.42
CA ALA B 249 3.90 13.31 11.62
C ALA B 249 3.95 11.80 11.44
N HIS B 250 4.90 11.33 10.62
CA HIS B 250 5.11 9.90 10.43
C HIS B 250 6.09 9.38 11.47
N ARG B 251 5.86 9.74 12.72
CA ARG B 251 6.68 9.31 13.85
C ARG B 251 5.94 9.60 15.16
N HIS C 2 23.23 -18.09 -2.51
CA HIS C 2 22.52 -19.12 -1.76
C HIS C 2 21.37 -18.50 -0.96
N LYS C 3 20.21 -19.16 -0.98
CA LYS C 3 19.05 -18.72 -0.21
C LYS C 3 18.25 -19.90 0.33
N ILE C 4 17.88 -19.81 1.60
CA ILE C 4 16.99 -20.79 2.20
C ILE C 4 15.67 -20.79 1.44
N LEU C 5 15.20 -19.60 1.10
CA LEU C 5 13.99 -19.45 0.31
C LEU C 5 14.06 -20.30 -0.96
N HIS C 6 15.20 -20.25 -1.63
CA HIS C 6 15.43 -21.08 -2.81
C HIS C 6 15.12 -22.55 -2.52
N ARG C 7 15.71 -23.09 -1.45
CA ARG C 7 15.54 -24.49 -1.12
C ARG C 7 14.08 -24.82 -0.83
N LEU C 8 13.48 -24.04 0.06
CA LEU C 8 12.09 -24.23 0.42
C LEU C 8 11.18 -24.15 -0.82
N LEU C 9 11.57 -23.30 -1.77
CA LEU C 9 10.78 -23.11 -2.98
C LEU C 9 10.85 -24.27 -3.97
N GLN C 10 12.00 -24.95 -4.03
CA GLN C 10 12.12 -26.10 -4.92
C GLN C 10 12.10 -27.44 -4.18
N ASP C 11 11.03 -27.67 -3.43
CA ASP C 11 10.80 -28.95 -2.76
C ASP C 11 9.52 -29.59 -3.26
N LYS D 3 1.18 24.19 14.20
CA LYS D 3 1.30 23.41 12.96
C LYS D 3 0.99 24.26 11.72
N ILE D 4 1.98 24.39 10.85
CA ILE D 4 1.81 25.14 9.60
C ILE D 4 0.66 24.56 8.79
N LEU D 5 0.60 23.22 8.74
CA LEU D 5 -0.49 22.54 8.08
C LEU D 5 -1.82 22.99 8.66
N HIS D 6 -1.84 23.19 9.97
CA HIS D 6 -3.03 23.65 10.68
C HIS D 6 -3.49 24.98 10.12
N ARG D 7 -2.57 25.93 10.05
CA ARG D 7 -2.87 27.28 9.61
C ARG D 7 -3.31 27.31 8.16
N LEU D 8 -2.51 26.67 7.30
CA LEU D 8 -2.81 26.63 5.87
C LEU D 8 -4.20 26.04 5.61
N LEU D 9 -4.58 25.06 6.44
CA LEU D 9 -5.90 24.44 6.36
C LEU D 9 -6.98 25.43 6.76
N GLN D 10 -6.84 26.02 7.94
CA GLN D 10 -7.82 26.98 8.45
C GLN D 10 -8.08 28.12 7.47
N ASP D 11 -7.06 28.46 6.67
CA ASP D 11 -7.11 29.55 5.69
C ASP D 11 -6.59 30.86 6.26
C26 5FV E . 2.72 -10.51 11.99
C05 5FV E . 3.27 -11.52 12.75
C06 5FV E . 3.04 -12.84 12.41
C01 5FV E . 3.58 -13.88 13.15
O01 5FV E . 3.34 -15.16 12.81
C02 5FV E . 4.37 -13.59 14.26
C03 5FV E . 4.61 -12.26 14.60
C04 5FV E . 4.08 -11.23 13.85
C07 5FV E . 4.30 -9.98 14.23
C08 5FV E . 5.50 -9.43 14.54
C10 5FV E . 6.67 -10.09 14.48
C11 5FV E . 7.44 -10.20 15.64
C12 5FV E . 8.65 -10.87 15.61
C13 5FV E . 9.12 -11.41 14.42
O02 5FV E . 10.31 -12.06 14.39
C14 5FV E . 8.36 -11.29 13.26
C15 5FV E . 7.13 -10.63 13.29
C25 5FV E . 6.39 -10.52 12.12
C09 5FV E . 5.43 -8.19 15.01
S02 5FV E . 3.87 -8.39 16.10
O06 5FV E . 3.22 -7.02 16.22
C16 5FV E . 3.29 -9.14 14.44
C17 5FV E . 3.54 -7.99 13.48
C18 5FV E . 4.78 -7.22 14.03
S01 5FV E . 6.06 -6.66 12.67
O04 5FV E . 5.35 -6.57 11.33
O05 5FV E . 7.19 -7.67 12.59
O03 5FV E . 6.61 -5.28 13.05
C19 5FV E . 7.35 -5.32 14.20
C20 5FV E . 7.89 -6.52 14.64
C21 5FV E . 8.64 -6.54 15.81
C22 5FV E . 8.86 -5.37 16.52
C23 5FV E . 8.32 -4.18 16.08
C24 5FV E . 7.57 -4.15 14.91
C26 5FV F . 8.09 12.86 -5.44
C05 5FV F . 8.58 14.15 -5.46
C06 5FV F . 7.72 15.21 -5.74
C01 5FV F . 8.20 16.51 -5.76
O01 5FV F . 7.37 17.55 -6.04
C02 5FV F . 9.54 16.76 -5.49
C03 5FV F . 10.40 15.70 -5.22
C04 5FV F . 9.92 14.40 -5.18
C07 5FV F . 10.77 13.40 -4.94
C08 5FV F . 11.69 13.37 -3.94
C10 5FV F . 11.87 14.34 -3.04
C11 5FV F . 13.11 14.94 -2.91
C12 5FV F . 13.31 15.94 -1.98
C13 5FV F . 12.27 16.34 -1.15
O02 5FV F . 12.46 17.31 -0.23
C14 5FV F . 11.02 15.74 -1.27
C15 5FV F . 10.82 14.74 -2.21
C25 5FV F . 9.57 14.14 -2.32
C09 5FV F . 12.49 12.30 -3.98
S02 5FV F . 12.73 12.21 -5.88
O06 5FV F . 13.05 10.77 -6.24
C16 5FV F . 10.82 12.34 -5.72
C17 5FV F . 10.49 11.17 -4.80
C18 5FV F . 11.71 11.00 -3.84
S01 5FV F . 11.23 10.67 -1.98
O04 5FV F . 9.85 10.05 -1.91
O05 5FV F . 11.25 11.98 -1.19
O03 5FV F . 12.24 9.69 -1.36
C19 5FV F . 13.46 10.29 -1.21
C20 5FV F . 13.55 11.58 -0.72
C21 5FV F . 14.80 12.18 -0.56
C22 5FV F . 15.95 11.48 -0.89
C23 5FV F . 15.86 10.18 -1.38
C24 5FV F . 14.61 9.59 -1.54
#